data_8QTU
#
_entry.id   8QTU
#
_cell.length_a   38.292
_cell.length_b   74.689
_cell.length_c   56.197
_cell.angle_alpha   90.00
_cell.angle_beta   97.66
_cell.angle_gamma   90.00
#
_symmetry.space_group_name_H-M   'P 1 21 1'
#
loop_
_entity.id
_entity.type
_entity.pdbx_description
1 polymer 'NAD-dependent protein deacetylase sirtuin-2'
2 polymer 'Peptide-based super-slow substrate TNFn-3'
3 non-polymer 'ZINC ION'
4 non-polymer NICOTINAMIDE-ADENINE-DINUCLEOTIDE
5 non-polymer 1,2-ETHANEDIOL
6 non-polymer '3-dodecylsulfanyl-3-methyl-butanoic acid'
7 water water
#
loop_
_entity_poly.entity_id
_entity_poly.type
_entity_poly.pdbx_seq_one_letter_code
_entity_poly.pdbx_strand_id
1 'polypeptide(L)'
;GHMERLLDELTLEGVARYMQSERCRRVICLVGAGISTSAGIPDFRSPSTGLYDNLEKYHLPYPEAIFEISYFKKHPEPFF
ALAKELYPGQFKPTICHYFMRLLKDKGLLLRCYTQNIDTLERIAGLEQEDLVEAHGTFYTSHCVSASCRHEYPLSWMKEK
IFSEVTPKCEDCQSLVKPDIVFFGESLPARFFSCMQSDFLKVDLLLVMGTSLQVQPFASLISKAPLSTPRLLINKEKAGQ
SDPFLGMIMGLGGGMDFDSKKAYRDVAWLGECDQGCLALAELLGWKKELEDLVRREHASIDAQS
;
A
2 'polypeptide(L)' EALPKK(NIY)GG B
#
# COMPACT_ATOMS: atom_id res chain seq x y z
N ARG A 5 -5.64 -19.64 -21.72
CA ARG A 5 -5.70 -18.54 -20.77
C ARG A 5 -6.51 -19.01 -19.57
N LEU A 6 -6.22 -18.45 -18.41
CA LEU A 6 -6.84 -18.98 -17.20
C LEU A 6 -8.23 -18.40 -16.93
N LEU A 7 -8.48 -17.15 -17.29
CA LEU A 7 -9.80 -16.57 -17.07
C LEU A 7 -10.76 -16.97 -18.19
N ASP A 8 -11.99 -17.35 -17.81
CA ASP A 8 -12.97 -17.70 -18.84
C ASP A 8 -13.60 -16.47 -19.48
N GLU A 9 -13.54 -15.32 -18.84
CA GLU A 9 -13.87 -14.06 -19.49
C GLU A 9 -13.18 -12.94 -18.72
N LEU A 10 -12.90 -11.86 -19.44
CA LEU A 10 -12.11 -10.75 -18.87
C LEU A 10 -13.03 -9.76 -18.15
N THR A 11 -13.67 -10.28 -17.09
CA THR A 11 -14.62 -9.54 -16.29
C THR A 11 -14.38 -9.86 -14.83
N LEU A 12 -14.96 -9.05 -13.94
CA LEU A 12 -14.94 -9.38 -12.52
C LEU A 12 -15.55 -10.75 -12.28
N GLU A 13 -16.59 -11.07 -13.05
CA GLU A 13 -17.25 -12.36 -12.84
C GLU A 13 -16.32 -13.50 -13.22
N GLY A 14 -15.56 -13.32 -14.30
CA GLY A 14 -14.52 -14.27 -14.64
C GLY A 14 -13.46 -14.39 -13.56
N VAL A 15 -13.01 -13.26 -13.00
CA VAL A 15 -12.02 -13.33 -11.92
C VAL A 15 -12.58 -14.10 -10.73
N ALA A 16 -13.83 -13.82 -10.36
CA ALA A 16 -14.40 -14.48 -9.19
C ALA A 16 -14.50 -15.99 -9.40
N ARG A 17 -14.94 -16.43 -10.59
CA ARG A 17 -14.96 -17.86 -10.86
C ARG A 17 -13.56 -18.47 -10.78
N TYR A 18 -12.55 -17.75 -11.28
CA TYR A 18 -11.18 -18.27 -11.22
C TYR A 18 -10.69 -18.36 -9.77
N MET A 19 -11.03 -17.36 -8.95
CA MET A 19 -10.63 -17.40 -7.55
C MET A 19 -11.24 -18.57 -6.80
N GLN A 20 -12.40 -19.06 -7.22
CA GLN A 20 -13.00 -20.20 -6.54
C GLN A 20 -12.75 -21.51 -7.26
N SER A 21 -11.87 -21.50 -8.26
CA SER A 21 -11.36 -22.71 -8.90
C SER A 21 -10.14 -23.23 -8.12
N GLU A 22 -9.79 -24.50 -8.38
CA GLU A 22 -8.66 -25.11 -7.71
C GLU A 22 -7.32 -24.46 -8.06
N ARG A 23 -7.25 -23.78 -9.20
CA ARG A 23 -5.98 -23.17 -9.62
C ARG A 23 -5.59 -21.96 -8.77
N CYS A 24 -6.56 -21.27 -8.17
CA CYS A 24 -6.26 -20.00 -7.51
C CYS A 24 -5.95 -20.25 -6.03
N ARG A 25 -4.67 -20.43 -5.73
CA ARG A 25 -4.27 -20.73 -4.37
C ARG A 25 -3.50 -19.60 -3.70
N ARG A 26 -2.81 -18.77 -4.48
CA ARG A 26 -1.88 -17.79 -3.92
C ARG A 26 -2.15 -16.44 -4.57
N VAL A 27 -2.60 -15.47 -3.79
CA VAL A 27 -2.97 -14.16 -4.27
C VAL A 27 -1.98 -13.15 -3.73
N ILE A 28 -1.47 -12.27 -4.58
CA ILE A 28 -0.66 -11.14 -4.12
C ILE A 28 -1.48 -9.88 -4.36
N CYS A 29 -1.56 -9.03 -3.34
CA CYS A 29 -2.18 -7.72 -3.49
C CYS A 29 -1.09 -6.68 -3.61
N LEU A 30 -1.30 -5.72 -4.52
CA LEU A 30 -0.42 -4.57 -4.73
C LEU A 30 -1.32 -3.35 -4.50
N VAL A 31 -1.06 -2.56 -3.46
CA VAL A 31 -2.00 -1.50 -3.11
C VAL A 31 -1.29 -0.17 -2.93
N GLY A 32 -2.05 0.89 -3.16
CA GLY A 32 -1.52 2.24 -3.02
C GLY A 32 -2.51 3.15 -2.31
N ALA A 33 -2.29 4.46 -2.47
CA ALA A 33 -3.00 5.46 -1.68
C ALA A 33 -4.50 5.42 -1.90
N GLY A 34 -4.96 4.90 -3.04
CA GLY A 34 -6.39 4.84 -3.32
C GLY A 34 -7.18 3.99 -2.34
N ILE A 35 -6.53 3.03 -1.68
CA ILE A 35 -7.28 2.17 -0.75
C ILE A 35 -7.47 2.82 0.61
N SER A 36 -6.86 3.97 0.85
CA SER A 36 -7.00 4.64 2.14
C SER A 36 -7.68 5.98 2.04
N THR A 37 -8.05 6.44 0.84
CA THR A 37 -8.71 7.73 0.75
C THR A 37 -10.05 7.69 1.48
N SER A 38 -10.80 6.58 1.37
CA SER A 38 -12.06 6.55 2.10
C SER A 38 -11.85 6.46 3.61
N ALA A 39 -10.65 6.16 4.07
CA ALA A 39 -10.36 6.24 5.51
C ALA A 39 -9.90 7.63 5.91
N GLY A 40 -9.92 8.59 5.00
CA GLY A 40 -9.57 9.97 5.33
C GLY A 40 -8.13 10.36 5.10
N ILE A 41 -7.35 9.54 4.41
CA ILE A 41 -5.97 9.88 4.10
C ILE A 41 -5.90 10.19 2.61
N PRO A 42 -5.52 11.40 2.22
CA PRO A 42 -5.60 11.77 0.82
C PRO A 42 -4.46 11.16 0.02
N ASP A 43 -4.76 10.86 -1.25
CA ASP A 43 -3.72 10.38 -2.15
C ASP A 43 -2.98 11.60 -2.69
N PHE A 44 -2.13 11.40 -3.68
CA PHE A 44 -1.53 12.57 -4.32
C PHE A 44 -2.17 12.91 -5.67
N ARG A 45 -2.86 11.96 -6.31
CA ARG A 45 -3.33 12.24 -7.66
C ARG A 45 -4.63 13.04 -7.64
N SER A 46 -5.55 12.71 -6.75
CA SER A 46 -6.91 13.21 -6.86
C SER A 46 -6.95 14.73 -6.62
N PRO A 47 -7.80 15.47 -7.37
CA PRO A 47 -7.87 16.93 -7.32
C PRO A 47 -8.50 17.47 -6.03
N ASN A 54 -2.71 21.00 -1.40
CA ASN A 54 -2.73 21.75 -0.15
C ASN A 54 -1.34 21.69 0.51
N LEU A 55 -0.38 22.40 -0.06
CA LEU A 55 1.01 22.32 0.38
C LEU A 55 1.75 23.62 0.07
N GLU A 56 1.13 24.75 0.39
CA GLU A 56 1.75 26.06 0.14
C GLU A 56 2.28 26.73 1.38
N LYS A 57 1.68 26.46 2.54
CA LYS A 57 2.13 27.03 3.80
C LYS A 57 3.58 26.71 4.12
N TYR A 58 4.19 25.77 3.39
CA TYR A 58 5.50 25.26 3.76
C TYR A 58 6.65 25.97 3.06
N HIS A 59 6.38 26.64 1.93
CA HIS A 59 7.35 27.54 1.32
C HIS A 59 8.63 26.81 0.92
N LEU A 60 8.46 25.74 0.16
CA LEU A 60 9.51 24.84 -0.26
C LEU A 60 10.15 25.32 -1.55
N PRO A 61 11.39 24.92 -1.83
CA PRO A 61 11.99 25.31 -3.12
C PRO A 61 11.21 24.79 -4.31
N TYR A 62 10.76 23.52 -4.27
CA TYR A 62 9.83 22.99 -5.26
C TYR A 62 8.88 22.05 -4.53
N PRO A 63 7.60 22.03 -4.94
CA PRO A 63 6.57 21.35 -4.13
C PRO A 63 6.93 19.94 -3.70
N GLU A 64 7.53 19.15 -4.59
CA GLU A 64 7.78 17.75 -4.30
C GLU A 64 8.98 17.57 -3.37
N ALA A 65 9.65 18.65 -2.98
CA ALA A 65 10.76 18.52 -2.04
C ALA A 65 10.32 18.04 -0.66
N ILE A 66 9.03 18.18 -0.33
CA ILE A 66 8.60 17.79 1.02
C ILE A 66 8.65 16.28 1.22
N PHE A 67 8.68 15.49 0.15
CA PHE A 67 8.80 14.04 0.27
C PHE A 67 10.10 13.53 -0.32
N GLU A 68 11.12 14.38 -0.43
CA GLU A 68 12.43 14.00 -0.94
C GLU A 68 13.42 14.00 0.22
N ILE A 69 14.31 13.01 0.21
CA ILE A 69 15.21 12.83 1.35
C ILE A 69 16.27 13.92 1.39
N SER A 70 16.74 14.37 0.22
CA SER A 70 17.71 15.46 0.22
C SER A 70 17.21 16.62 1.07
N TYR A 71 15.96 17.03 0.84
CA TYR A 71 15.41 18.19 1.52
C TYR A 71 15.04 17.89 2.97
N PHE A 72 14.38 16.76 3.23
CA PHE A 72 14.08 16.38 4.61
C PHE A 72 15.32 16.47 5.49
N LYS A 73 16.45 15.97 4.98
CA LYS A 73 17.70 16.01 5.75
C LYS A 73 18.09 17.44 6.07
N LYS A 74 17.84 18.37 5.15
CA LYS A 74 18.19 19.76 5.40
C LYS A 74 17.16 20.45 6.28
N HIS A 75 15.87 20.18 6.05
CA HIS A 75 14.80 20.83 6.78
C HIS A 75 13.67 19.84 7.04
N PRO A 76 13.71 19.14 8.17
CA PRO A 76 12.64 18.17 8.45
C PRO A 76 11.36 18.82 8.96
N GLU A 77 11.38 20.11 9.33
CA GLU A 77 10.21 20.75 9.90
C GLU A 77 9.00 20.69 8.98
N PRO A 78 9.08 21.09 7.71
CA PRO A 78 7.88 21.06 6.86
C PRO A 78 7.20 19.71 6.82
N PHE A 79 7.97 18.61 6.75
CA PHE A 79 7.34 17.31 6.68
C PHE A 79 6.55 17.01 7.96
N PHE A 80 7.12 17.33 9.11
CA PHE A 80 6.43 17.00 10.37
C PHE A 80 5.21 17.89 10.56
N ALA A 81 5.27 19.13 10.09
CA ALA A 81 4.11 20.00 10.14
C ALA A 81 2.99 19.47 9.25
N LEU A 82 3.35 18.88 8.11
CA LEU A 82 2.37 18.27 7.23
C LEU A 82 1.76 17.03 7.89
N ALA A 83 2.59 16.20 8.52
CA ALA A 83 2.06 15.00 9.18
C ALA A 83 1.04 15.38 10.24
N LYS A 84 1.30 16.44 10.97
CA LYS A 84 0.34 16.92 11.98
C LYS A 84 -0.98 17.28 11.31
N GLU A 85 -0.91 18.03 10.21
CA GLU A 85 -2.12 18.44 9.51
C GLU A 85 -2.90 17.23 8.99
N LEU A 86 -2.22 16.15 8.65
CA LEU A 86 -2.88 14.99 8.05
C LEU A 86 -3.18 13.88 9.05
N TYR A 87 -2.69 13.97 10.27
CA TYR A 87 -2.86 12.89 11.24
C TYR A 87 -4.35 12.62 11.48
N PRO A 88 -4.85 11.41 11.24
CA PRO A 88 -6.30 11.17 11.32
C PRO A 88 -6.79 11.10 12.75
N GLY A 89 -8.06 11.52 12.93
CA GLY A 89 -8.68 11.42 14.25
C GLY A 89 -8.82 10.00 14.74
N GLN A 90 -9.10 9.07 13.82
CA GLN A 90 -9.12 7.65 14.11
C GLN A 90 -8.50 6.92 12.93
N PHE A 91 -8.02 5.72 13.18
CA PHE A 91 -7.47 4.85 12.15
C PHE A 91 -8.46 3.70 11.93
N LYS A 92 -9.39 3.89 10.98
CA LYS A 92 -10.38 2.86 10.66
C LYS A 92 -10.08 2.32 9.27
N PRO A 93 -9.61 1.07 9.16
CA PRO A 93 -9.32 0.53 7.83
C PRO A 93 -10.59 0.45 7.01
N THR A 94 -10.41 0.41 5.70
CA THR A 94 -11.54 0.50 4.78
C THR A 94 -12.06 -0.90 4.46
N ILE A 95 -13.19 -0.94 3.78
CA ILE A 95 -13.73 -2.21 3.26
C ILE A 95 -12.67 -2.94 2.45
N CYS A 96 -11.89 -2.19 1.66
CA CYS A 96 -10.81 -2.78 0.87
C CYS A 96 -9.77 -3.45 1.76
N HIS A 97 -9.35 -2.77 2.84
CA HIS A 97 -8.43 -3.39 3.78
C HIS A 97 -9.01 -4.68 4.33
N TYR A 98 -10.27 -4.66 4.72
CA TYR A 98 -10.85 -5.84 5.34
C TYR A 98 -11.11 -6.94 4.33
N PHE A 99 -11.30 -6.58 3.05
CA PHE A 99 -11.28 -7.59 1.98
C PHE A 99 -9.97 -8.36 2.00
N MET A 100 -8.82 -7.66 2.14
CA MET A 100 -7.56 -8.37 2.22
C MET A 100 -7.45 -9.19 3.50
N ARG A 101 -8.05 -8.73 4.60
CA ARG A 101 -8.13 -9.54 5.82
C ARG A 101 -8.87 -10.84 5.54
N LEU A 102 -9.95 -10.78 4.74
CA LEU A 102 -10.65 -12.00 4.37
C LEU A 102 -9.77 -12.92 3.55
N LEU A 103 -9.03 -12.37 2.59
CA LEU A 103 -8.08 -13.19 1.83
C LEU A 103 -7.12 -13.91 2.77
N LYS A 104 -6.62 -13.20 3.79
CA LYS A 104 -5.72 -13.83 4.77
C LYS A 104 -6.44 -14.92 5.54
N ASP A 105 -7.63 -14.61 6.08
CA ASP A 105 -8.41 -15.56 6.86
C ASP A 105 -8.67 -16.84 6.09
N LYS A 106 -8.86 -16.72 4.78
CA LYS A 106 -9.23 -17.87 3.95
C LYS A 106 -8.02 -18.55 3.32
N GLY A 107 -6.82 -18.21 3.74
CA GLY A 107 -5.63 -18.87 3.26
C GLY A 107 -5.22 -18.55 1.84
N LEU A 108 -5.77 -17.47 1.27
CA LEU A 108 -5.48 -17.08 -0.10
C LEU A 108 -4.38 -16.04 -0.22
N LEU A 109 -4.08 -15.30 0.84
CA LEU A 109 -3.18 -14.15 0.74
C LEU A 109 -1.74 -14.64 0.86
N LEU A 110 -0.97 -14.54 -0.22
CA LEU A 110 0.47 -14.82 -0.11
C LEU A 110 1.20 -13.60 0.45
N ARG A 111 0.88 -12.42 -0.09
CA ARG A 111 1.56 -11.20 0.34
C ARG A 111 0.73 -10.00 -0.08
N CYS A 112 0.71 -8.99 0.79
CA CYS A 112 0.25 -7.65 0.44
C CYS A 112 1.46 -6.74 0.34
N TYR A 113 1.78 -6.30 -0.88
CA TYR A 113 2.78 -5.25 -1.09
C TYR A 113 2.08 -3.90 -1.05
N THR A 114 2.47 -3.04 -0.13
CA THR A 114 1.79 -1.77 -0.02
C THR A 114 2.75 -0.60 -0.18
N GLN A 115 2.27 0.43 -0.84
CA GLN A 115 2.95 1.71 -0.94
C GLN A 115 2.59 2.63 0.22
N ASN A 116 1.63 2.25 1.04
CA ASN A 116 1.09 3.17 2.04
C ASN A 116 1.90 3.08 3.32
N ILE A 117 1.90 4.17 4.06
CA ILE A 117 2.64 4.26 5.30
C ILE A 117 1.72 4.39 6.50
N ASP A 118 0.41 4.25 6.30
CA ASP A 118 -0.59 4.68 7.29
C ASP A 118 -0.94 3.61 8.31
N THR A 119 -0.38 2.41 8.21
CA THR A 119 -0.54 1.28 9.13
C THR A 119 -1.92 0.62 9.06
N LEU A 120 -2.79 1.03 8.15
CA LEU A 120 -4.15 0.48 8.21
C LEU A 120 -4.18 -1.01 7.88
N GLU A 121 -3.23 -1.50 7.07
CA GLU A 121 -3.18 -2.93 6.84
C GLU A 121 -2.93 -3.69 8.13
N ARG A 122 -2.01 -3.17 8.97
CA ARG A 122 -1.80 -3.82 10.26
C ARG A 122 -3.05 -3.75 11.12
N ILE A 123 -3.71 -2.59 11.13
CA ILE A 123 -4.88 -2.43 11.98
C ILE A 123 -5.98 -3.39 11.53
N ALA A 124 -6.11 -3.58 10.21
CA ALA A 124 -7.09 -4.52 9.68
C ALA A 124 -6.75 -5.98 10.00
N GLY A 125 -5.59 -6.26 10.56
CA GLY A 125 -5.25 -7.62 10.95
C GLY A 125 -4.27 -8.36 10.05
N LEU A 126 -3.64 -7.67 9.10
CA LEU A 126 -2.55 -8.31 8.37
C LEU A 126 -1.31 -8.30 9.27
N GLU A 127 -0.62 -9.43 9.33
CA GLU A 127 0.56 -9.59 10.18
C GLU A 127 1.83 -9.14 9.46
N GLN A 128 2.92 -8.97 10.21
CA GLN A 128 4.17 -8.58 9.59
C GLN A 128 4.54 -9.55 8.46
N GLU A 129 4.28 -10.83 8.65
CA GLU A 129 4.70 -11.79 7.65
C GLU A 129 3.91 -11.62 6.35
N ASP A 130 2.68 -11.11 6.43
CA ASP A 130 1.82 -10.92 5.27
C ASP A 130 2.16 -9.70 4.46
N LEU A 131 3.00 -8.79 4.99
CA LEU A 131 3.15 -7.45 4.44
C LEU A 131 4.56 -7.24 3.92
N VAL A 132 4.64 -6.56 2.78
CA VAL A 132 5.83 -5.86 2.36
C VAL A 132 5.44 -4.39 2.35
N GLU A 133 5.80 -3.65 3.39
CA GLU A 133 5.57 -2.20 3.39
C GLU A 133 6.70 -1.58 2.57
N ALA A 134 6.44 -1.41 1.28
CA ALA A 134 7.52 -1.11 0.35
C ALA A 134 8.12 0.27 0.58
N HIS A 135 7.32 1.21 1.07
CA HIS A 135 7.80 2.57 1.37
C HIS A 135 7.83 2.83 2.88
N GLY A 136 7.98 1.76 3.66
CA GLY A 136 8.13 1.87 5.09
C GLY A 136 6.81 2.13 5.80
N THR A 137 6.92 2.71 6.98
CA THR A 137 5.73 2.85 7.80
C THR A 137 5.98 3.88 8.89
N PHE A 138 4.89 4.52 9.30
CA PHE A 138 4.87 5.37 10.48
C PHE A 138 4.81 4.58 11.78
N TYR A 139 4.62 3.26 11.69
CA TYR A 139 4.37 2.47 12.89
C TYR A 139 5.55 2.54 13.86
N THR A 140 6.76 2.51 13.33
CA THR A 140 8.00 2.62 14.10
C THR A 140 8.84 3.79 13.56
N SER A 141 9.64 4.39 14.43
CA SER A 141 10.54 5.47 14.06
C SER A 141 11.90 5.19 14.65
N HIS A 142 12.95 5.78 14.06
CA HIS A 142 14.30 5.59 14.60
C HIS A 142 15.09 6.89 14.59
N CYS A 143 15.80 7.14 15.69
CA CYS A 143 16.88 8.11 15.71
C CYS A 143 17.77 7.93 14.47
N VAL A 144 18.18 9.05 13.86
CA VAL A 144 18.92 8.92 12.61
C VAL A 144 20.41 8.71 12.80
N SER A 145 20.93 8.82 14.02
CA SER A 145 22.37 8.65 14.22
CA SER A 145 22.36 8.66 14.21
C SER A 145 22.74 7.19 14.08
N ALA A 146 23.68 6.91 13.18
CA ALA A 146 24.05 5.52 12.90
C ALA A 146 24.52 4.81 14.16
N SER A 147 25.21 5.51 15.05
CA SER A 147 25.72 4.89 16.28
CA SER A 147 25.73 4.91 16.28
C SER A 147 24.65 4.78 17.36
N CYS A 148 23.42 5.21 17.10
CA CYS A 148 22.37 5.15 18.10
C CYS A 148 21.17 4.34 17.61
N ARG A 149 20.40 4.84 16.63
CA ARG A 149 19.29 4.11 16.03
C ARG A 149 18.27 3.62 17.07
N HIS A 150 18.09 4.38 18.14
CA HIS A 150 17.07 4.05 19.14
C HIS A 150 15.69 4.10 18.49
N GLU A 151 14.83 3.13 18.84
CA GLU A 151 13.52 2.98 18.24
C GLU A 151 12.44 3.63 19.10
N TYR A 152 11.43 4.18 18.45
CA TYR A 152 10.34 4.84 19.15
C TYR A 152 9.01 4.43 18.53
N PRO A 153 7.97 4.29 19.35
CA PRO A 153 6.65 3.90 18.84
C PRO A 153 5.83 5.10 18.38
N LEU A 154 4.69 4.80 17.75
CA LEU A 154 3.86 5.87 17.21
C LEU A 154 3.37 6.84 18.29
N SER A 155 3.07 6.34 19.48
CA SER A 155 2.55 7.25 20.52
C SER A 155 3.56 8.33 20.84
N TRP A 156 4.84 7.95 20.86
CA TRP A 156 5.91 8.92 21.05
C TRP A 156 5.98 9.90 19.89
N MET A 157 5.84 9.40 18.66
CA MET A 157 6.02 10.26 17.50
C MET A 157 4.83 11.19 17.33
N LYS A 158 3.61 10.65 17.45
CA LYS A 158 2.42 11.50 17.43
C LYS A 158 2.52 12.65 18.43
N GLU A 159 2.97 12.36 19.65
CA GLU A 159 3.01 13.40 20.68
C GLU A 159 3.95 14.53 20.27
N LYS A 160 5.09 14.20 19.66
CA LYS A 160 6.02 15.23 19.20
C LYS A 160 5.50 15.96 17.98
N ILE A 161 4.74 15.27 17.11
CA ILE A 161 4.14 15.93 15.96
C ILE A 161 3.07 16.92 16.40
N PHE A 162 2.24 16.53 17.37
CA PHE A 162 1.15 17.40 17.82
C PHE A 162 1.70 18.59 18.58
N SER A 163 2.67 18.36 19.46
CA SER A 163 3.24 19.45 20.25
C SER A 163 3.97 20.44 19.36
N GLU A 164 4.04 20.13 18.06
CA GLU A 164 4.80 20.95 17.11
C GLU A 164 6.26 21.08 17.54
N VAL A 165 6.82 20.00 18.09
CA VAL A 165 8.21 19.94 18.53
C VAL A 165 8.91 18.90 17.66
N THR A 166 9.93 19.33 16.92
CA THR A 166 10.65 18.39 16.07
C THR A 166 11.15 17.22 16.93
N PRO A 167 10.91 15.98 16.52
CA PRO A 167 11.25 14.84 17.39
C PRO A 167 12.75 14.63 17.49
N LYS A 168 13.26 14.60 18.71
CA LYS A 168 14.67 14.40 18.99
C LYS A 168 14.87 13.18 19.88
N CYS A 169 15.95 12.43 19.62
CA CYS A 169 16.26 11.25 20.39
C CYS A 169 16.56 11.61 21.85
N GLU A 170 16.02 10.81 22.77
CA GLU A 170 16.29 11.02 24.18
C GLU A 170 17.66 10.51 24.59
N ASP A 171 18.26 9.60 23.83
CA ASP A 171 19.60 9.10 24.15
C ASP A 171 20.69 10.02 23.59
N CYS A 172 20.51 10.58 22.41
CA CYS A 172 21.59 11.36 21.80
C CYS A 172 21.16 12.70 21.22
N GLN A 173 19.86 13.01 21.24
CA GLN A 173 19.30 14.27 20.77
C GLN A 173 19.41 14.46 19.25
N SER A 174 19.68 13.40 18.49
CA SER A 174 19.58 13.49 17.05
C SER A 174 18.11 13.48 16.64
N LEU A 175 17.87 13.75 15.36
CA LEU A 175 16.51 13.67 14.83
C LEU A 175 16.00 12.23 14.89
N VAL A 176 14.71 12.07 15.20
CA VAL A 176 14.04 10.79 15.09
C VAL A 176 13.12 10.86 13.87
N LYS A 177 13.24 9.90 12.98
CA LYS A 177 12.56 9.92 11.72
C LYS A 177 11.62 8.72 11.63
N PRO A 178 10.37 8.91 11.24
CA PRO A 178 9.50 7.75 10.96
C PRO A 178 10.14 6.82 9.96
N ASP A 179 9.85 5.52 10.12
CA ASP A 179 10.47 4.49 9.30
C ASP A 179 9.92 4.44 7.88
N ILE A 180 9.74 5.60 7.27
CA ILE A 180 9.21 5.70 5.92
C ILE A 180 10.35 5.88 4.92
N VAL A 181 10.07 5.55 3.67
CA VAL A 181 11.03 5.67 2.58
C VAL A 181 10.68 6.95 1.82
N PHE A 182 11.54 7.96 1.95
CA PHE A 182 11.33 9.16 1.14
C PHE A 182 11.76 8.90 -0.29
N PHE A 183 11.17 9.66 -1.22
CA PHE A 183 11.73 9.70 -2.57
C PHE A 183 13.23 9.93 -2.51
N GLY A 184 13.98 9.13 -3.27
CA GLY A 184 15.43 9.18 -3.28
C GLY A 184 16.11 8.31 -2.25
N GLU A 185 15.36 7.59 -1.43
CA GLU A 185 15.91 6.64 -0.47
C GLU A 185 15.79 5.23 -1.02
N SER A 186 16.66 4.35 -0.55
CA SER A 186 16.59 2.95 -0.94
CA SER A 186 16.59 2.96 -0.92
C SER A 186 15.40 2.29 -0.24
N LEU A 187 14.71 1.44 -0.98
CA LEU A 187 13.65 0.64 -0.42
C LEU A 187 14.26 -0.41 0.51
N PRO A 188 13.46 -1.00 1.40
CA PRO A 188 14.01 -1.99 2.33
C PRO A 188 14.41 -3.27 1.64
N ALA A 189 15.41 -3.93 2.23
CA ALA A 189 15.86 -5.20 1.71
C ALA A 189 14.71 -6.20 1.58
N ARG A 190 13.77 -6.15 2.52
CA ARG A 190 12.68 -7.13 2.49
C ARG A 190 11.88 -7.04 1.20
N PHE A 191 11.71 -5.82 0.67
CA PHE A 191 10.98 -5.66 -0.60
C PHE A 191 11.63 -6.49 -1.69
N PHE A 192 12.95 -6.37 -1.86
CA PHE A 192 13.61 -7.09 -2.94
C PHE A 192 13.68 -8.59 -2.67
N SER A 193 13.84 -8.99 -1.41
CA SER A 193 13.88 -10.42 -1.13
CA SER A 193 13.88 -10.42 -1.10
C SER A 193 12.52 -11.07 -1.36
N CYS A 194 11.44 -10.43 -0.89
CA CYS A 194 10.12 -11.01 -1.14
C CYS A 194 9.82 -11.05 -2.63
N MET A 195 10.15 -9.96 -3.35
CA MET A 195 9.85 -9.91 -4.77
CA MET A 195 9.86 -9.91 -4.78
C MET A 195 10.54 -11.03 -5.55
N GLN A 196 11.71 -11.48 -5.09
CA GLN A 196 12.45 -12.50 -5.81
C GLN A 196 11.95 -13.91 -5.55
N SER A 197 11.04 -14.08 -4.62
CA SER A 197 10.44 -15.39 -4.36
C SER A 197 8.93 -15.42 -4.56
N ASP A 198 8.22 -14.35 -4.19
CA ASP A 198 6.75 -14.41 -4.16
C ASP A 198 6.15 -14.62 -5.54
N PHE A 199 6.81 -14.14 -6.59
CA PHE A 199 6.17 -14.14 -7.89
C PHE A 199 6.45 -15.41 -8.68
N LEU A 200 7.15 -16.38 -8.08
CA LEU A 200 7.42 -17.64 -8.77
CA LEU A 200 7.42 -17.64 -8.77
C LEU A 200 6.16 -18.45 -8.99
N LYS A 201 5.18 -18.34 -8.08
CA LYS A 201 4.04 -19.26 -8.13
C LYS A 201 2.71 -18.56 -7.84
N VAL A 202 2.65 -17.26 -8.06
CA VAL A 202 1.46 -16.48 -7.74
CA VAL A 202 1.46 -16.48 -7.74
C VAL A 202 0.38 -16.77 -8.77
N ASP A 203 -0.85 -16.94 -8.29
CA ASP A 203 -1.98 -17.29 -9.14
C ASP A 203 -2.86 -16.10 -9.52
N LEU A 204 -2.79 -15.00 -8.77
CA LEU A 204 -3.61 -13.83 -9.08
C LEU A 204 -2.91 -12.61 -8.50
N LEU A 205 -2.83 -11.54 -9.29
CA LEU A 205 -2.44 -10.23 -8.77
CA LEU A 205 -2.43 -10.23 -8.78
C LEU A 205 -3.68 -9.37 -8.64
N LEU A 206 -3.90 -8.86 -7.45
CA LEU A 206 -4.98 -7.91 -7.18
CA LEU A 206 -4.99 -7.91 -7.18
C LEU A 206 -4.35 -6.55 -6.95
N VAL A 207 -4.50 -5.65 -7.90
CA VAL A 207 -3.85 -4.33 -7.87
C VAL A 207 -4.93 -3.30 -7.54
N MET A 208 -4.76 -2.56 -6.43
CA MET A 208 -5.85 -1.69 -6.01
C MET A 208 -5.35 -0.32 -5.55
N GLY A 209 -5.99 0.74 -6.02
CA GLY A 209 -5.71 2.07 -5.47
C GLY A 209 -4.32 2.58 -5.73
N THR A 210 -3.72 2.21 -6.87
CA THR A 210 -2.40 2.73 -7.23
C THR A 210 -2.37 3.16 -8.69
N SER A 211 -1.64 4.25 -8.98
CA SER A 211 -1.46 4.70 -10.35
C SER A 211 -0.30 4.00 -11.05
N LEU A 212 0.45 3.16 -10.33
CA LEU A 212 1.57 2.41 -10.92
C LEU A 212 2.59 3.35 -11.55
N GLN A 213 2.90 4.44 -10.87
CA GLN A 213 3.89 5.37 -11.36
C GLN A 213 5.13 5.48 -10.48
N VAL A 214 5.05 5.11 -9.21
CA VAL A 214 6.22 5.15 -8.34
C VAL A 214 7.00 3.85 -8.53
N GLN A 215 8.33 3.98 -8.69
CA GLN A 215 9.24 2.89 -8.94
C GLN A 215 10.19 2.70 -7.76
N PRO A 216 10.70 1.48 -7.56
CA PRO A 216 10.45 0.27 -8.37
C PRO A 216 9.15 -0.47 -8.05
N PHE A 217 8.29 0.04 -7.17
CA PHE A 217 7.05 -0.68 -6.83
C PHE A 217 6.26 -1.05 -8.10
N ALA A 218 6.10 -0.09 -9.00
CA ALA A 218 5.28 -0.29 -10.18
C ALA A 218 5.74 -1.49 -11.01
N SER A 219 7.03 -1.81 -10.97
CA SER A 219 7.54 -2.93 -11.76
CA SER A 219 7.54 -2.93 -11.76
C SER A 219 7.04 -4.28 -11.26
N LEU A 220 6.46 -4.34 -10.06
CA LEU A 220 5.97 -5.60 -9.50
C LEU A 220 4.97 -6.29 -10.41
N ILE A 221 4.16 -5.54 -11.15
CA ILE A 221 3.16 -6.22 -11.98
C ILE A 221 3.81 -7.06 -13.07
N SER A 222 5.03 -6.73 -13.48
CA SER A 222 5.71 -7.44 -14.56
C SER A 222 6.44 -8.68 -14.07
N LYS A 223 6.42 -8.97 -12.77
CA LYS A 223 7.17 -10.08 -12.21
C LYS A 223 6.37 -11.38 -12.13
N ALA A 224 5.05 -11.33 -12.22
CA ALA A 224 4.26 -12.56 -12.21
C ALA A 224 4.47 -13.37 -13.50
N PRO A 225 4.16 -14.67 -13.48
CA PRO A 225 4.19 -15.44 -14.72
C PRO A 225 3.24 -14.82 -15.72
N LEU A 226 3.53 -15.08 -17.00
CA LEU A 226 2.70 -14.51 -18.06
C LEU A 226 1.27 -15.04 -18.04
N SER A 227 1.01 -16.22 -17.45
CA SER A 227 -0.36 -16.72 -17.37
C SER A 227 -1.15 -16.16 -16.18
N THR A 228 -0.52 -15.47 -15.24
CA THR A 228 -1.22 -15.04 -14.02
C THR A 228 -2.21 -13.92 -14.30
N PRO A 229 -3.51 -14.12 -14.02
CA PRO A 229 -4.47 -13.00 -14.17
C PRO A 229 -4.14 -11.83 -13.24
N ARG A 230 -4.48 -10.63 -13.71
CA ARG A 230 -4.23 -9.39 -12.96
C ARG A 230 -5.49 -8.56 -13.00
N LEU A 231 -6.09 -8.31 -11.82
CA LEU A 231 -7.30 -7.51 -11.70
C LEU A 231 -6.90 -6.15 -11.12
N LEU A 232 -7.25 -5.08 -11.81
CA LEU A 232 -7.04 -3.73 -11.31
C LEU A 232 -8.37 -3.17 -10.80
N ILE A 233 -8.42 -2.81 -9.52
CA ILE A 233 -9.59 -2.11 -8.99
C ILE A 233 -9.13 -0.71 -8.65
N ASN A 234 -9.59 0.28 -9.42
CA ASN A 234 -8.99 1.61 -9.36
C ASN A 234 -9.93 2.61 -10.01
N LYS A 235 -9.86 3.87 -9.56
CA LYS A 235 -10.71 4.89 -10.16
C LYS A 235 -10.42 5.10 -11.64
N GLU A 236 -9.16 4.92 -12.05
CA GLU A 236 -8.73 5.11 -13.43
C GLU A 236 -7.91 3.91 -13.90
N LYS A 237 -7.95 3.69 -15.22
CA LYS A 237 -7.10 2.67 -15.81
C LYS A 237 -5.65 3.04 -15.58
N ALA A 238 -4.86 2.11 -15.05
CA ALA A 238 -3.45 2.36 -14.75
C ALA A 238 -2.60 1.18 -15.22
N GLY A 239 -1.29 1.43 -15.39
CA GLY A 239 -0.34 0.38 -15.71
C GLY A 239 -0.21 0.02 -17.19
N GLN A 240 -0.98 0.67 -18.05
CA GLN A 240 -0.83 0.42 -19.47
C GLN A 240 0.48 1.06 -19.95
N SER A 241 1.05 0.50 -20.99
CA SER A 241 2.25 1.10 -21.56
C SER A 241 1.92 2.49 -22.11
N ASP A 242 2.89 3.38 -22.02
CA ASP A 242 2.71 4.76 -22.47
C ASP A 242 2.97 4.83 -23.98
N PRO A 243 2.06 5.41 -24.76
CA PRO A 243 2.31 5.52 -26.21
C PRO A 243 3.51 6.35 -26.56
N PHE A 244 4.11 7.06 -25.59
CA PHE A 244 5.33 7.82 -25.82
C PHE A 244 6.55 7.11 -25.24
N LEU A 245 6.54 6.84 -23.94
CA LEU A 245 7.67 6.23 -23.25
C LEU A 245 7.83 4.75 -23.53
N GLY A 254 3.33 -4.35 -19.71
CA GLY A 254 2.36 -3.57 -18.98
C GLY A 254 1.00 -4.26 -19.01
N MET A 255 0.01 -3.63 -18.39
CA MET A 255 -1.34 -4.14 -18.39
C MET A 255 -1.93 -4.03 -19.79
N ASP A 256 -2.60 -5.09 -20.24
CA ASP A 256 -3.26 -5.08 -21.55
C ASP A 256 -4.73 -5.46 -21.31
N PHE A 257 -5.56 -4.44 -21.15
CA PHE A 257 -6.98 -4.65 -20.89
C PHE A 257 -7.78 -4.78 -22.18
N ASP A 258 -7.39 -4.08 -23.23
CA ASP A 258 -8.28 -3.79 -24.35
C ASP A 258 -7.76 -4.20 -25.73
N SER A 259 -6.52 -4.65 -25.86
CA SER A 259 -6.06 -5.00 -27.21
C SER A 259 -6.66 -6.32 -27.66
N LYS A 260 -6.52 -6.58 -28.96
CA LYS A 260 -6.97 -7.85 -29.51
C LYS A 260 -6.19 -9.03 -28.92
N LYS A 261 -5.02 -8.77 -28.34
CA LYS A 261 -4.21 -9.77 -27.67
C LYS A 261 -4.54 -9.92 -26.20
N ALA A 262 -5.47 -9.11 -25.66
CA ALA A 262 -5.73 -9.14 -24.22
C ALA A 262 -6.23 -10.52 -23.82
N TYR A 263 -5.74 -11.03 -22.69
CA TYR A 263 -6.09 -12.40 -22.35
C TYR A 263 -6.16 -12.63 -20.84
N ARG A 264 -5.65 -11.69 -20.01
CA ARG A 264 -5.55 -11.99 -18.57
C ARG A 264 -5.71 -10.79 -17.65
N ASP A 265 -5.80 -9.56 -18.17
CA ASP A 265 -5.88 -8.37 -17.33
C ASP A 265 -7.29 -7.82 -17.39
N VAL A 266 -7.82 -7.45 -16.23
CA VAL A 266 -9.18 -6.95 -16.08
C VAL A 266 -9.13 -5.65 -15.28
N ALA A 267 -9.85 -4.63 -15.77
CA ALA A 267 -9.92 -3.34 -15.10
C ALA A 267 -11.35 -3.12 -14.62
N TRP A 268 -11.50 -2.95 -13.31
CA TRP A 268 -12.78 -2.58 -12.69
C TRP A 268 -12.60 -1.14 -12.25
N LEU A 269 -13.26 -0.21 -12.93
CA LEU A 269 -13.04 1.21 -12.70
C LEU A 269 -14.11 1.77 -11.77
N GLY A 270 -13.67 2.27 -10.63
CA GLY A 270 -14.54 2.81 -9.61
C GLY A 270 -13.78 2.87 -8.28
N GLU A 271 -14.52 3.05 -7.20
CA GLU A 271 -13.91 3.14 -5.89
C GLU A 271 -13.48 1.77 -5.40
N CYS A 272 -12.32 1.72 -4.75
CA CYS A 272 -11.80 0.45 -4.25
C CYS A 272 -12.81 -0.24 -3.34
N ASP A 273 -13.45 0.51 -2.45
CA ASP A 273 -14.44 -0.11 -1.56
C ASP A 273 -15.56 -0.77 -2.36
N GLN A 274 -16.06 -0.09 -3.39
CA GLN A 274 -17.17 -0.64 -4.15
C GLN A 274 -16.72 -1.84 -4.99
N GLY A 275 -15.50 -1.80 -5.51
CA GLY A 275 -14.99 -2.93 -6.26
C GLY A 275 -14.86 -4.16 -5.39
N CYS A 276 -14.26 -3.98 -4.19
CA CYS A 276 -14.10 -5.11 -3.28
C CYS A 276 -15.44 -5.66 -2.82
N LEU A 277 -16.42 -4.77 -2.56
CA LEU A 277 -17.76 -5.22 -2.20
C LEU A 277 -18.37 -6.07 -3.33
N ALA A 278 -18.24 -5.60 -4.58
CA ALA A 278 -18.79 -6.35 -5.71
C ALA A 278 -18.11 -7.70 -5.87
N LEU A 279 -16.80 -7.74 -5.74
CA LEU A 279 -16.10 -9.01 -5.84
C LEU A 279 -16.50 -9.93 -4.68
N ALA A 280 -16.53 -9.40 -3.46
CA ALA A 280 -16.96 -10.21 -2.32
C ALA A 280 -18.32 -10.83 -2.57
N GLU A 281 -19.24 -10.06 -3.11
CA GLU A 281 -20.58 -10.58 -3.33
C GLU A 281 -20.57 -11.73 -4.33
N LEU A 282 -19.77 -11.62 -5.40
CA LEU A 282 -19.67 -12.73 -6.34
C LEU A 282 -19.09 -13.98 -5.68
N LEU A 283 -18.16 -13.80 -4.72
CA LEU A 283 -17.53 -14.91 -4.01
C LEU A 283 -18.41 -15.49 -2.90
N GLY A 284 -19.58 -14.90 -2.64
CA GLY A 284 -20.39 -15.31 -1.50
C GLY A 284 -19.86 -14.85 -0.15
N TRP A 285 -19.01 -13.80 -0.14
CA TRP A 285 -18.45 -13.26 1.09
C TRP A 285 -19.10 -11.94 1.50
N LYS A 286 -20.17 -11.51 0.83
CA LYS A 286 -20.73 -10.18 1.12
C LYS A 286 -21.11 -10.05 2.59
N LYS A 287 -21.88 -11.00 3.10
CA LYS A 287 -22.25 -10.94 4.52
C LYS A 287 -21.00 -11.02 5.41
N GLU A 288 -20.06 -11.93 5.10
CA GLU A 288 -18.85 -12.02 5.92
C GLU A 288 -18.11 -10.70 5.97
N LEU A 289 -17.98 -10.04 4.82
CA LEU A 289 -17.24 -8.80 4.77
C LEU A 289 -17.98 -7.69 5.51
N GLU A 290 -19.30 -7.58 5.32
CA GLU A 290 -20.04 -6.56 6.03
C GLU A 290 -19.95 -6.77 7.54
N ASP A 291 -20.16 -8.01 8.00
CA ASP A 291 -20.11 -8.29 9.42
C ASP A 291 -18.75 -7.93 10.00
N LEU A 292 -17.67 -8.28 9.29
CA LEU A 292 -16.31 -8.00 9.75
C LEU A 292 -16.03 -6.50 9.87
N VAL A 293 -16.34 -5.76 8.80
CA VAL A 293 -16.11 -4.32 8.84
C VAL A 293 -16.91 -3.68 9.97
N ARG A 294 -18.19 -4.01 10.08
CA ARG A 294 -19.00 -3.35 11.11
C ARG A 294 -18.47 -3.68 12.51
N ARG A 295 -18.07 -4.93 12.72
CA ARG A 295 -17.60 -5.35 14.04
C ARG A 295 -16.27 -4.67 14.37
N GLU A 296 -15.37 -4.63 13.40
CA GLU A 296 -14.07 -3.99 13.61
C GLU A 296 -14.23 -2.48 13.83
N HIS A 297 -15.05 -1.82 13.01
CA HIS A 297 -15.26 -0.39 13.24
C HIS A 297 -15.91 -0.14 14.60
N ALA A 298 -16.86 -0.98 15.00
CA ALA A 298 -17.51 -0.81 16.30
C ALA A 298 -16.50 -0.97 17.42
N SER A 299 -15.57 -1.92 17.27
CA SER A 299 -14.54 -2.09 18.28
CA SER A 299 -14.53 -2.10 18.28
C SER A 299 -13.62 -0.89 18.35
N ILE A 300 -13.23 -0.35 17.20
CA ILE A 300 -12.34 0.81 17.21
C ILE A 300 -13.05 1.99 17.87
N ASP A 301 -14.35 2.17 17.61
CA ASP A 301 -15.11 3.23 18.26
C ASP A 301 -15.15 3.03 19.77
N ALA A 302 -15.28 1.79 20.23
CA ALA A 302 -15.36 1.52 21.65
C ALA A 302 -14.03 1.72 22.38
N GLN A 303 -12.92 1.70 21.66
CA GLN A 303 -11.57 1.74 22.27
C GLN A 303 -11.13 3.16 22.67
N LEU B 3 20.71 -0.25 -2.38
CA LEU B 3 19.49 -0.75 -3.01
C LEU B 3 18.75 0.31 -3.83
N PRO B 4 18.02 -0.12 -4.86
CA PRO B 4 17.35 0.82 -5.76
C PRO B 4 16.55 1.88 -5.00
N LYS B 5 16.56 3.10 -5.51
CA LYS B 5 15.92 4.21 -4.83
C LYS B 5 14.50 4.41 -5.31
N LYS B 6 13.66 4.88 -4.41
CA LYS B 6 12.26 5.27 -4.74
C LYS B 6 12.26 6.46 -5.72
N GLY B 8 9.86 8.70 -9.11
CA GLY B 8 8.61 8.86 -9.84
C GLY B 8 7.55 9.63 -9.06
#